data_4XGM
#
_entry.id   4XGM
#
_cell.length_a   99.040
_cell.length_b   99.040
_cell.length_c   50.610
_cell.angle_alpha   90.000
_cell.angle_beta   90.000
_cell.angle_gamma   90.000
#
_symmetry.space_group_name_H-M   'P 43'
#
loop_
_entity.id
_entity.type
_entity.pdbx_description
1 polymer 'Mitochondrial ribonuclease P protein 3'
2 non-polymer 'ZINC ION'
3 non-polymer GLYCEROL
4 water water
#
_entity_poly.entity_id   1
_entity_poly.type   'polypeptide(L)'
_entity_poly.pdbx_seq_one_letter_code
;SMTLEPRGYSLLIRGLIHSDRWREALLLLEDIKKVITPSKKNYNDCIQGALLHQDVNTAWNLYQELLGHDIVPMLETLKA
FFDFGKDIKDDNYSNKLLDILSYLRNNQLYPGESFAHSIKTWFESVPGKQWKGQFTTVRKSGQCSGCGKTIESIQLSPEE
YECLKGKIMRDVIDGGDQYRKTTPQELKRFENFIKSRPPFDVVIDGLNVAKMFPKVRESQLLLNVVSQLAKRNLRLLVLG
RKHMLRRSSQWSRDEMEEVQKQASCFFADDISEDDPFLLYATLHSGNHCRFITRDLMRDHKACLPDAKTQRLFFKWQQGH
QLAIVNRFPGSKLTFQRILSYDTVVQTTGDSWHIPYDEDLVERCSCEVPTKWLCLHQKT
;
_entity_poly.pdbx_strand_id   A
#
loop_
_chem_comp.id
_chem_comp.type
_chem_comp.name
_chem_comp.formula
GOL non-polymer GLYCEROL 'C3 H8 O3'
ZN non-polymer 'ZINC ION' 'Zn 2'
#
# COMPACT_ATOMS: atom_id res chain seq x y z
N THR A 3 28.81 -9.28 -1.03
CA THR A 3 29.08 -9.93 -2.32
C THR A 3 28.44 -9.13 -3.44
N LEU A 4 29.25 -8.73 -4.43
CA LEU A 4 28.81 -7.78 -5.44
C LEU A 4 28.63 -8.38 -6.83
N GLU A 5 28.05 -7.60 -7.74
CA GLU A 5 27.97 -7.97 -9.15
C GLU A 5 29.38 -7.99 -9.70
N PRO A 6 29.60 -8.77 -10.77
CA PRO A 6 30.90 -8.65 -11.45
C PRO A 6 31.07 -7.22 -11.92
N ARG A 7 32.26 -6.65 -11.74
CA ARG A 7 32.52 -5.22 -11.88
C ARG A 7 31.94 -4.61 -13.17
N GLY A 8 31.18 -3.54 -13.00
CA GLY A 8 30.63 -2.79 -14.11
C GLY A 8 29.53 -3.47 -14.90
N TYR A 9 29.04 -4.61 -14.42
CA TYR A 9 28.05 -5.35 -15.22
C TYR A 9 26.73 -4.62 -15.42
N SER A 10 26.28 -3.87 -14.43
CA SER A 10 25.00 -3.17 -14.59
C SER A 10 25.05 -2.15 -15.75
N LEU A 11 26.16 -1.43 -15.86
CA LEU A 11 26.32 -0.44 -16.93
C LEU A 11 26.58 -1.10 -18.28
N LEU A 12 27.27 -2.24 -18.29
CA LEU A 12 27.44 -3.00 -19.52
C LEU A 12 26.09 -3.38 -20.07
N ILE A 13 25.22 -3.87 -19.19
CA ILE A 13 23.88 -4.32 -19.59
C ILE A 13 23.09 -3.14 -20.15
N ARG A 14 23.15 -2.02 -19.46
CA ARG A 14 22.39 -0.85 -19.86
C ARG A 14 22.89 -0.30 -21.21
N GLY A 15 24.17 -0.44 -21.49
CA GLY A 15 24.74 0.07 -22.73
C GLY A 15 24.51 -0.81 -23.94
N LEU A 16 23.89 -1.98 -23.74
CA LEU A 16 23.76 -2.99 -24.81
C LEU A 16 22.35 -3.10 -25.35
N ILE A 17 21.35 -2.65 -24.60
CA ILE A 17 19.98 -3.14 -24.85
C ILE A 17 19.28 -2.53 -26.06
N HIS A 18 19.82 -1.45 -26.60
CA HIS A 18 19.22 -0.84 -27.80
C HIS A 18 19.80 -1.42 -29.09
N SER A 19 20.86 -2.21 -28.98
CA SER A 19 21.59 -2.70 -30.16
C SER A 19 21.19 -4.12 -30.58
N ASP A 20 21.73 -4.57 -31.73
CA ASP A 20 21.52 -5.93 -32.16
C ASP A 20 22.19 -6.93 -31.20
N ARG A 21 23.08 -6.44 -30.36
CA ARG A 21 23.74 -7.32 -29.40
C ARG A 21 23.00 -7.42 -28.07
N TRP A 22 21.73 -7.03 -28.04
CA TRP A 22 20.99 -7.00 -26.77
C TRP A 22 20.90 -8.34 -26.03
N ARG A 23 21.00 -9.46 -26.75
CA ARG A 23 20.99 -10.75 -26.08
C ARG A 23 22.19 -10.90 -25.14
N GLU A 24 23.26 -10.17 -25.42
CA GLU A 24 24.45 -10.22 -24.56
C GLU A 24 24.15 -9.69 -23.18
N ALA A 25 23.21 -8.74 -23.09
CA ALA A 25 22.78 -8.23 -21.79
C ALA A 25 22.14 -9.33 -20.94
N LEU A 26 21.38 -10.21 -21.58
CA LEU A 26 20.77 -11.33 -20.87
C LEU A 26 21.83 -12.30 -20.36
N LEU A 27 22.88 -12.49 -21.15
CA LEU A 27 23.98 -13.36 -20.75
C LEU A 27 24.60 -12.79 -19.49
N LEU A 28 24.85 -11.48 -19.50
CA LEU A 28 25.41 -10.81 -18.33
C LEU A 28 24.46 -10.95 -17.12
N LEU A 29 23.17 -10.80 -17.36
CA LEU A 29 22.19 -10.97 -16.29
C LEU A 29 22.32 -12.37 -15.67
N GLU A 30 22.44 -13.38 -16.52
CA GLU A 30 22.65 -14.75 -16.05
C GLU A 30 23.89 -14.84 -15.16
N ASP A 31 24.98 -14.20 -15.59
CA ASP A 31 26.20 -14.13 -14.78
C ASP A 31 25.91 -13.51 -13.42
N ILE A 32 25.11 -12.44 -13.40
CA ILE A 32 24.76 -11.78 -12.13
C ILE A 32 23.96 -12.72 -11.23
N LYS A 33 22.91 -13.34 -11.78
CA LYS A 33 22.06 -14.27 -11.02
C LYS A 33 22.86 -15.36 -10.32
N LYS A 34 23.93 -15.83 -10.95
CA LYS A 34 24.69 -16.93 -10.37
C LYS A 34 25.47 -16.55 -9.12
N VAL A 35 25.53 -15.26 -8.79
CA VAL A 35 26.24 -14.84 -7.59
C VAL A 35 25.40 -13.97 -6.64
N ILE A 36 24.49 -13.16 -7.18
CA ILE A 36 23.58 -12.37 -6.35
C ILE A 36 22.23 -12.24 -7.03
N THR A 37 21.22 -11.82 -6.26
CA THR A 37 19.95 -11.47 -6.88
C THR A 37 20.14 -10.18 -7.67
N PRO A 38 19.74 -10.18 -8.95
CA PRO A 38 19.90 -8.95 -9.74
C PRO A 38 19.02 -7.82 -9.23
N SER A 39 19.42 -6.58 -9.49
CA SER A 39 18.65 -5.40 -9.08
C SER A 39 17.41 -5.25 -9.95
N LYS A 40 16.44 -4.48 -9.46
CA LYS A 40 15.28 -4.17 -10.26
C LYS A 40 15.65 -3.37 -11.52
N LYS A 41 16.76 -2.62 -11.47
CA LYS A 41 17.26 -1.92 -12.68
C LYS A 41 17.80 -2.87 -13.75
N ASN A 42 18.48 -3.93 -13.29
CA ASN A 42 19.02 -4.98 -14.17
C ASN A 42 17.88 -5.60 -14.96
N TYR A 43 16.83 -5.97 -14.25
CA TYR A 43 15.65 -6.57 -14.87
C TYR A 43 14.98 -5.56 -15.77
N ASN A 44 14.85 -4.33 -15.29
CA ASN A 44 14.23 -3.28 -16.08
C ASN A 44 14.93 -3.17 -17.45
N ASP A 45 16.25 -3.15 -17.42
CA ASP A 45 17.02 -2.96 -18.65
C ASP A 45 16.82 -4.13 -19.61
N CYS A 46 16.89 -5.37 -19.10
CA CYS A 46 16.79 -6.52 -19.98
C CYS A 46 15.40 -6.68 -20.54
N ILE A 47 14.39 -6.34 -19.72
CA ILE A 47 13.01 -6.37 -20.18
C ILE A 47 12.78 -5.34 -21.31
N GLN A 48 13.27 -4.12 -21.12
CA GLN A 48 13.12 -3.12 -22.19
C GLN A 48 13.87 -3.54 -23.47
N GLY A 49 15.05 -4.14 -23.31
CA GLY A 49 15.79 -4.71 -24.43
C GLY A 49 14.94 -5.71 -25.21
N ALA A 50 14.25 -6.60 -24.49
CA ALA A 50 13.41 -7.58 -25.16
C ALA A 50 12.26 -6.92 -25.89
N LEU A 51 11.59 -5.98 -25.22
CA LEU A 51 10.43 -5.33 -25.79
C LEU A 51 10.85 -4.47 -26.98
N LEU A 52 12.01 -3.85 -26.87
CA LEU A 52 12.51 -3.03 -27.98
C LEU A 52 12.73 -3.87 -29.25
N HIS A 53 12.85 -5.19 -29.10
CA HIS A 53 13.09 -6.07 -30.23
C HIS A 53 11.94 -7.06 -30.45
N GLN A 54 10.80 -6.72 -29.88
CA GLN A 54 9.55 -7.48 -30.05
C GLN A 54 9.57 -8.87 -29.44
N ASP A 55 10.51 -9.14 -28.53
CA ASP A 55 10.56 -10.47 -27.90
C ASP A 55 9.75 -10.41 -26.61
N VAL A 56 8.43 -10.56 -26.77
CA VAL A 56 7.48 -10.35 -25.70
C VAL A 56 7.57 -11.50 -24.68
N ASN A 57 7.84 -12.72 -25.15
CA ASN A 57 7.96 -13.85 -24.20
C ASN A 57 9.14 -13.69 -23.27
N THR A 58 10.29 -13.28 -23.81
CA THR A 58 11.48 -13.03 -23.01
C THR A 58 11.20 -11.92 -21.97
N ALA A 59 10.55 -10.83 -22.40
CA ALA A 59 10.19 -9.75 -21.48
C ALA A 59 9.32 -10.24 -20.32
N TRP A 60 8.23 -10.92 -20.65
CA TRP A 60 7.33 -11.41 -19.60
C TRP A 60 7.98 -12.45 -18.68
N ASN A 61 8.79 -13.34 -19.25
CA ASN A 61 9.49 -14.32 -18.43
C ASN A 61 10.45 -13.66 -17.46
N LEU A 62 11.15 -12.64 -17.92
CA LEU A 62 12.02 -11.88 -17.03
C LEU A 62 11.21 -11.23 -15.89
N TYR A 63 10.07 -10.65 -16.25
CA TYR A 63 9.19 -10.00 -15.27
C TYR A 63 8.72 -10.99 -14.21
N GLN A 64 8.23 -12.15 -14.64
CA GLN A 64 7.83 -13.21 -13.73
C GLN A 64 9.01 -13.70 -12.87
N GLU A 65 10.19 -13.79 -13.47
CA GLU A 65 11.40 -14.13 -12.70
C GLU A 65 11.65 -13.15 -11.56
N LEU A 66 11.58 -11.86 -11.90
CA LEU A 66 11.70 -10.78 -10.93
C LEU A 66 10.70 -10.93 -9.78
N LEU A 67 9.44 -11.13 -10.14
CA LEU A 67 8.38 -11.29 -9.12
C LEU A 67 8.70 -12.48 -8.22
N GLY A 68 9.21 -13.56 -8.82
CA GLY A 68 9.55 -14.75 -8.07
C GLY A 68 10.63 -14.54 -7.02
N HIS A 69 11.48 -13.53 -7.21
CA HIS A 69 12.52 -13.20 -6.23
C HIS A 69 11.99 -12.20 -5.21
N ASP A 70 10.69 -12.00 -5.23
CA ASP A 70 10.05 -10.99 -4.40
C ASP A 70 10.66 -9.59 -4.55
N ILE A 71 11.08 -9.28 -5.77
CA ILE A 71 11.52 -7.93 -6.07
C ILE A 71 10.29 -7.11 -6.42
N VAL A 72 10.23 -5.86 -5.95
CA VAL A 72 9.18 -4.96 -6.42
C VAL A 72 9.65 -4.31 -7.72
N PRO A 73 8.92 -4.53 -8.81
CA PRO A 73 9.36 -3.98 -10.10
C PRO A 73 9.39 -2.45 -10.07
N MET A 74 10.32 -1.83 -10.78
CA MET A 74 10.26 -0.39 -11.01
C MET A 74 8.96 -0.08 -11.72
N LEU A 75 8.33 1.04 -11.36
CA LEU A 75 7.17 1.48 -12.13
C LEU A 75 7.54 1.66 -13.59
N GLU A 76 8.79 2.06 -13.85
CA GLU A 76 9.22 2.28 -15.24
C GLU A 76 9.10 0.98 -16.04
N THR A 77 9.28 -0.14 -15.36
CA THR A 77 9.18 -1.44 -16.02
C THR A 77 7.75 -1.78 -16.37
N LEU A 78 6.84 -1.57 -15.42
CA LEU A 78 5.42 -1.77 -15.69
C LEU A 78 4.97 -0.84 -16.81
N LYS A 79 5.46 0.40 -16.79
CA LYS A 79 5.12 1.36 -17.83
C LYS A 79 5.56 0.88 -19.22
N ALA A 80 6.71 0.20 -19.29
CA ALA A 80 7.22 -0.27 -20.60
C ALA A 80 6.24 -1.25 -21.24
N PHE A 81 5.65 -2.14 -20.46
CA PHE A 81 4.71 -3.11 -21.02
C PHE A 81 3.47 -2.43 -21.61
N PHE A 82 2.95 -1.38 -20.96
CA PHE A 82 1.84 -0.63 -21.52
C PHE A 82 2.25 0.16 -22.76
N ASP A 83 3.43 0.78 -22.74
CA ASP A 83 3.92 1.54 -23.89
C ASP A 83 4.01 0.62 -25.10
N PHE A 84 4.67 -0.52 -24.93
CA PHE A 84 4.79 -1.41 -26.08
C PHE A 84 3.45 -2.05 -26.41
N GLY A 85 2.54 -2.12 -25.45
CA GLY A 85 1.20 -2.64 -25.71
C GLY A 85 0.28 -1.88 -26.66
N LYS A 86 0.51 -0.58 -26.83
CA LYS A 86 -0.38 0.19 -27.71
C LYS A 86 -0.24 -0.32 -29.16
N ASP A 87 0.92 -0.91 -29.46
CA ASP A 87 1.20 -1.45 -30.79
C ASP A 87 0.93 -2.95 -30.91
N ILE A 88 0.44 -3.56 -29.84
CA ILE A 88 0.20 -5.00 -29.81
C ILE A 88 -1.27 -5.30 -29.70
N LYS A 89 -1.76 -6.14 -30.59
CA LYS A 89 -3.18 -6.51 -30.63
C LYS A 89 -3.29 -8.01 -30.44
N ASP A 90 -3.47 -8.41 -29.19
CA ASP A 90 -3.41 -9.80 -28.81
C ASP A 90 -3.99 -9.98 -27.41
N ASP A 91 -4.98 -10.86 -27.31
CA ASP A 91 -5.65 -11.16 -26.04
C ASP A 91 -4.67 -11.47 -24.92
N ASN A 92 -3.66 -12.29 -25.22
CA ASN A 92 -2.69 -12.70 -24.21
C ASN A 92 -1.85 -11.56 -23.67
N TYR A 93 -1.50 -10.60 -24.52
CA TYR A 93 -0.70 -9.49 -24.03
C TYR A 93 -1.57 -8.62 -23.12
N SER A 94 -2.83 -8.42 -23.50
CA SER A 94 -3.78 -7.64 -22.72
C SER A 94 -4.01 -8.20 -21.33
N ASN A 95 -4.16 -9.52 -21.25
CA ASN A 95 -4.35 -10.19 -19.98
C ASN A 95 -3.16 -9.95 -19.06
N LYS A 96 -1.98 -9.89 -19.65
CA LYS A 96 -0.78 -9.60 -18.89
C LYS A 96 -0.82 -8.18 -18.33
N LEU A 97 -1.34 -7.23 -19.12
CA LEU A 97 -1.40 -5.84 -18.68
C LEU A 97 -2.44 -5.70 -17.59
N LEU A 98 -3.56 -6.39 -17.74
CA LEU A 98 -4.55 -6.39 -16.68
C LEU A 98 -3.99 -7.00 -15.41
N ASP A 99 -3.10 -7.99 -15.55
CA ASP A 99 -2.44 -8.60 -14.39
C ASP A 99 -1.53 -7.61 -13.65
N ILE A 100 -0.86 -6.75 -14.41
CA ILE A 100 -0.08 -5.67 -13.81
C ILE A 100 -1.00 -4.72 -13.04
N LEU A 101 -2.20 -4.45 -13.56
CA LEU A 101 -3.11 -3.58 -12.82
C LEU A 101 -3.53 -4.23 -11.50
N SER A 102 -3.74 -5.55 -11.54
CA SER A 102 -4.09 -6.28 -10.30
C SER A 102 -2.94 -6.22 -9.32
N TYR A 103 -1.71 -6.33 -9.83
CA TYR A 103 -0.52 -6.11 -9.02
C TYR A 103 -0.56 -4.77 -8.27
N LEU A 104 -0.83 -3.69 -9.00
CA LEU A 104 -0.95 -2.37 -8.37
C LEU A 104 -2.07 -2.35 -7.35
N ARG A 105 -3.22 -2.91 -7.72
CA ARG A 105 -4.33 -2.96 -6.77
C ARG A 105 -3.96 -3.74 -5.51
N ASN A 106 -3.32 -4.89 -5.68
CA ASN A 106 -3.10 -5.80 -4.53
C ASN A 106 -2.01 -5.32 -3.59
N ASN A 107 -1.10 -4.52 -4.13
CA ASN A 107 0.01 -3.98 -3.35
C ASN A 107 -0.15 -2.51 -3.03
N GLN A 108 -1.37 -1.98 -3.24
CA GLN A 108 -1.66 -0.60 -2.90
C GLN A 108 -0.61 0.36 -3.52
N LEU A 109 -0.35 0.17 -4.82
CA LEU A 109 0.62 0.98 -5.55
C LEU A 109 -0.06 1.88 -6.59
N TYR A 110 0.63 2.94 -7.00
CA TYR A 110 0.05 3.90 -7.95
C TYR A 110 1.06 4.31 -8.99
N PRO A 111 0.63 4.35 -10.27
CA PRO A 111 1.48 4.86 -11.35
C PRO A 111 1.87 6.33 -11.15
N GLY A 112 3.02 6.73 -11.70
CA GLY A 112 3.39 8.13 -11.80
C GLY A 112 2.64 8.73 -12.99
N GLU A 113 2.77 10.03 -13.22
CA GLU A 113 1.90 10.69 -14.19
C GLU A 113 2.08 10.18 -15.62
N SER A 114 3.32 10.03 -16.08
CA SER A 114 3.50 9.58 -17.46
C SER A 114 3.09 8.11 -17.62
N PHE A 115 3.24 7.31 -16.56
CA PHE A 115 2.77 5.93 -16.54
C PHE A 115 1.24 5.96 -16.67
N ALA A 116 0.57 6.82 -15.91
CA ALA A 116 -0.88 6.92 -16.04
C ALA A 116 -1.27 7.26 -17.48
N HIS A 117 -0.54 8.20 -18.11
CA HIS A 117 -0.79 8.53 -19.53
C HIS A 117 -0.59 7.30 -20.43
N SER A 118 0.44 6.51 -20.15
CA SER A 118 0.69 5.28 -20.91
C SER A 118 -0.46 4.28 -20.75
N ILE A 119 -1.04 4.19 -19.56
CA ILE A 119 -2.18 3.31 -19.34
C ILE A 119 -3.39 3.80 -20.10
N LYS A 120 -3.66 5.11 -19.99
CA LYS A 120 -4.73 5.73 -20.74
C LYS A 120 -4.57 5.45 -22.23
N THR A 121 -3.38 5.72 -22.74
CA THR A 121 -3.09 5.50 -24.17
C THR A 121 -3.37 4.05 -24.54
N TRP A 122 -2.96 3.11 -23.68
CA TRP A 122 -3.14 1.69 -24.02
C TRP A 122 -4.61 1.34 -24.10
N PHE A 123 -5.41 1.69 -23.09
CA PHE A 123 -6.82 1.37 -23.11
C PHE A 123 -7.49 2.00 -24.32
N GLU A 124 -7.10 3.23 -24.62
CA GLU A 124 -7.74 3.96 -25.72
C GLU A 124 -7.29 3.35 -27.06
N SER A 125 -6.23 2.54 -27.00
CA SER A 125 -5.72 1.90 -28.22
C SER A 125 -6.34 0.54 -28.47
N VAL A 126 -7.05 0.00 -27.47
CA VAL A 126 -7.61 -1.34 -27.56
C VAL A 126 -8.77 -1.32 -28.55
N PRO A 127 -8.59 -2.00 -29.70
CA PRO A 127 -9.58 -1.92 -30.78
C PRO A 127 -10.95 -2.49 -30.40
N GLY A 128 -12.00 -1.77 -30.77
CA GLY A 128 -13.35 -2.26 -30.63
C GLY A 128 -13.96 -2.15 -29.24
N LYS A 129 -13.15 -1.72 -28.26
CA LYS A 129 -13.62 -1.69 -26.88
C LYS A 129 -14.11 -0.31 -26.43
N GLN A 130 -13.83 0.71 -27.22
CA GLN A 130 -14.26 2.08 -26.96
C GLN A 130 -13.99 2.58 -25.53
N TRP A 131 -12.76 2.43 -25.08
CA TRP A 131 -12.34 3.00 -23.81
C TRP A 131 -12.08 4.49 -23.97
N LYS A 132 -12.60 5.29 -23.05
CA LYS A 132 -12.26 6.71 -23.00
C LYS A 132 -11.65 7.02 -21.64
N GLY A 133 -10.49 7.69 -21.65
CA GLY A 133 -9.86 8.06 -20.39
C GLY A 133 -9.91 9.55 -20.15
N GLN A 134 -10.00 9.93 -18.87
CA GLN A 134 -9.96 11.31 -18.41
C GLN A 134 -9.21 11.40 -17.09
N PHE A 135 -8.49 12.50 -16.88
CA PHE A 135 -7.88 12.76 -15.60
C PHE A 135 -8.87 13.55 -14.77
N THR A 136 -9.18 13.02 -13.59
CA THR A 136 -10.30 13.44 -12.77
C THR A 136 -9.90 13.54 -11.29
N THR A 137 -10.85 13.98 -10.47
CA THR A 137 -10.74 13.89 -9.02
C THR A 137 -11.98 13.17 -8.53
N VAL A 138 -12.08 12.95 -7.23
CA VAL A 138 -13.26 12.30 -6.71
C VAL A 138 -13.96 13.30 -5.82
N ARG A 139 -15.29 13.35 -5.91
CA ARG A 139 -16.09 14.23 -5.07
C ARG A 139 -16.10 13.72 -3.64
N LYS A 140 -16.55 14.56 -2.72
CA LYS A 140 -16.59 14.18 -1.31
C LYS A 140 -17.52 12.98 -1.12
N SER A 141 -18.52 12.86 -1.97
CA SER A 141 -19.51 11.79 -1.88
C SER A 141 -18.94 10.42 -2.26
N GLY A 142 -17.89 10.43 -3.08
CA GLY A 142 -17.30 9.19 -3.56
C GLY A 142 -17.54 9.02 -5.05
N GLN A 143 -18.12 10.03 -5.66
CA GLN A 143 -18.43 9.99 -7.08
C GLN A 143 -17.28 10.56 -7.91
N CYS A 144 -16.81 9.78 -8.89
CA CYS A 144 -15.82 10.27 -9.83
C CYS A 144 -16.36 11.51 -10.54
N SER A 145 -15.57 12.59 -10.51
CA SER A 145 -15.93 13.84 -11.18
C SER A 145 -15.97 13.70 -12.69
N GLY A 146 -15.51 12.56 -13.20
CA GLY A 146 -15.59 12.28 -14.63
C GLY A 146 -16.86 11.55 -15.01
N CYS A 147 -16.98 10.28 -14.60
CA CYS A 147 -18.07 9.44 -15.08
C CYS A 147 -19.30 9.36 -14.17
N GLY A 148 -19.18 9.87 -12.94
CA GLY A 148 -20.29 9.83 -12.01
C GLY A 148 -20.44 8.55 -11.21
N LYS A 149 -19.61 7.54 -11.48
CA LYS A 149 -19.66 6.31 -10.69
C LYS A 149 -19.16 6.57 -9.28
N THR A 150 -19.64 5.76 -8.35
CA THR A 150 -19.18 5.79 -6.97
C THR A 150 -17.95 4.89 -6.77
N ILE A 151 -16.89 5.46 -6.20
CA ILE A 151 -15.64 4.74 -5.94
C ILE A 151 -15.89 3.70 -4.85
N GLU A 152 -15.17 2.56 -4.90
CA GLU A 152 -15.34 1.50 -3.88
C GLU A 152 -15.27 2.09 -2.48
N SER A 153 -16.21 1.66 -1.62
CA SER A 153 -16.23 2.12 -0.25
C SER A 153 -14.96 1.72 0.48
N ILE A 154 -14.52 2.58 1.39
CA ILE A 154 -13.36 2.28 2.22
C ILE A 154 -13.79 1.34 3.35
N GLN A 155 -15.10 1.15 3.50
CA GLN A 155 -15.62 0.36 4.62
C GLN A 155 -15.68 -1.13 4.29
N LEU A 156 -15.02 -1.93 5.12
CA LEU A 156 -15.11 -3.39 5.00
C LEU A 156 -16.48 -3.86 5.44
N SER A 157 -17.03 -4.83 4.71
CA SER A 157 -18.28 -5.48 5.08
C SER A 157 -18.06 -6.27 6.36
N PRO A 158 -19.15 -6.61 7.08
CA PRO A 158 -18.98 -7.41 8.30
C PRO A 158 -18.25 -8.72 8.01
N GLU A 159 -18.61 -9.37 6.91
CA GLU A 159 -17.99 -10.64 6.54
C GLU A 159 -16.53 -10.45 6.18
N GLU A 160 -16.23 -9.35 5.49
CA GLU A 160 -14.84 -8.99 5.17
C GLU A 160 -14.04 -8.71 6.43
N TYR A 161 -14.64 -7.98 7.36
CA TYR A 161 -13.98 -7.63 8.60
C TYR A 161 -13.72 -8.88 9.45
N GLU A 162 -14.72 -9.76 9.54
CA GLU A 162 -14.56 -11.02 10.26
C GLU A 162 -13.51 -11.87 9.57
N CYS A 163 -13.43 -11.77 8.24
CA CYS A 163 -12.43 -12.50 7.49
C CYS A 163 -11.04 -12.02 7.88
N LEU A 164 -10.83 -10.70 7.76
CA LEU A 164 -9.55 -10.08 8.08
C LEU A 164 -9.16 -10.31 9.53
N LYS A 165 -10.07 -9.98 10.45
CA LYS A 165 -9.83 -10.15 11.89
C LYS A 165 -9.46 -11.58 12.25
N GLY A 166 -10.15 -12.54 11.63
CA GLY A 166 -9.87 -13.94 11.86
C GLY A 166 -8.44 -14.33 11.49
N LYS A 167 -8.03 -14.01 10.27
CA LYS A 167 -6.70 -14.37 9.77
C LYS A 167 -5.59 -13.67 10.56
N ILE A 168 -5.84 -12.43 10.99
CA ILE A 168 -4.85 -11.69 11.75
C ILE A 168 -4.53 -12.37 13.07
N MET A 169 -5.58 -12.75 13.81
CA MET A 169 -5.45 -13.37 15.13
C MET A 169 -4.57 -14.61 15.14
N ARG A 170 -4.74 -15.48 14.15
CA ARG A 170 -4.06 -16.77 14.11
C ARG A 170 -2.53 -16.64 14.03
N ASP A 171 -2.05 -15.45 13.69
CA ASP A 171 -0.62 -15.19 13.63
C ASP A 171 -0.11 -14.51 14.91
N VAL A 172 -1.03 -13.87 15.63
CA VAL A 172 -0.69 -13.21 16.88
C VAL A 172 -0.51 -14.23 18.01
N ILE A 173 -1.39 -15.23 18.04
CA ILE A 173 -1.39 -16.25 19.08
C ILE A 173 -0.09 -17.06 19.12
N THR A 182 5.59 -12.94 21.53
CA THR A 182 6.35 -12.60 22.73
C THR A 182 6.05 -13.56 23.87
N THR A 183 5.27 -13.10 24.86
CA THR A 183 5.04 -13.85 26.08
C THR A 183 3.63 -14.43 26.14
N PRO A 184 3.51 -15.70 26.55
CA PRO A 184 2.18 -16.27 26.78
C PRO A 184 1.51 -15.64 28.00
N GLN A 185 2.31 -15.27 28.99
CA GLN A 185 1.80 -14.70 30.23
C GLN A 185 1.25 -13.30 30.00
N GLU A 186 1.89 -12.55 29.11
CA GLU A 186 1.41 -11.21 28.77
C GLU A 186 0.22 -11.28 27.84
N LEU A 187 0.16 -12.34 27.04
CA LEU A 187 -0.93 -12.52 26.09
C LEU A 187 -2.27 -12.68 26.80
N LYS A 188 -2.32 -13.64 27.72
CA LYS A 188 -3.54 -13.93 28.46
C LYS A 188 -3.96 -12.75 29.32
N ARG A 189 -2.98 -12.07 29.91
CA ARG A 189 -3.25 -10.90 30.73
C ARG A 189 -3.91 -9.80 29.88
N PHE A 190 -3.36 -9.56 28.71
CA PHE A 190 -3.90 -8.55 27.82
C PHE A 190 -5.30 -8.94 27.31
N GLU A 191 -5.48 -10.21 26.98
CA GLU A 191 -6.78 -10.71 26.54
C GLU A 191 -7.83 -10.54 27.63
N ASN A 192 -7.41 -10.71 28.88
CA ASN A 192 -8.33 -10.55 30.00
C ASN A 192 -8.69 -9.07 30.17
N PHE A 193 -7.69 -8.22 30.00
CA PHE A 193 -7.86 -6.76 30.08
C PHE A 193 -8.88 -6.30 29.07
N ILE A 194 -8.62 -6.63 27.80
CA ILE A 194 -9.47 -6.22 26.70
C ILE A 194 -10.88 -6.78 26.79
N LYS A 195 -11.01 -8.06 27.14
CA LYS A 195 -12.30 -8.73 27.03
C LYS A 195 -13.25 -8.37 28.17
N SER A 196 -12.71 -7.77 29.22
CA SER A 196 -13.57 -7.32 30.31
C SER A 196 -13.84 -5.82 30.20
N ARG A 197 -13.61 -5.25 29.01
CA ARG A 197 -13.80 -3.82 28.79
C ARG A 197 -14.62 -3.60 27.54
N PRO A 198 -15.32 -2.45 27.46
CA PRO A 198 -16.11 -2.26 26.25
C PRO A 198 -15.19 -1.93 25.09
N PRO A 199 -15.68 -2.00 23.85
CA PRO A 199 -14.87 -1.62 22.69
C PRO A 199 -14.30 -0.22 22.84
N PHE A 200 -13.05 -0.01 22.42
CA PHE A 200 -12.49 1.34 22.40
C PHE A 200 -12.79 2.00 21.05
N ASP A 201 -12.56 3.31 20.96
CA ASP A 201 -12.79 4.04 19.72
C ASP A 201 -11.47 4.37 19.06
N VAL A 202 -10.49 4.75 19.87
CA VAL A 202 -9.13 4.95 19.38
C VAL A 202 -8.15 4.21 20.27
N VAL A 203 -7.30 3.41 19.64
CA VAL A 203 -6.20 2.78 20.34
C VAL A 203 -4.91 3.52 20.01
N ILE A 204 -4.19 3.93 21.04
CA ILE A 204 -3.01 4.77 20.89
C ILE A 204 -1.74 4.05 21.32
N ASP A 205 -0.80 3.90 20.40
CA ASP A 205 0.52 3.39 20.75
C ASP A 205 1.30 4.53 21.40
N GLY A 206 1.37 4.51 22.72
CA GLY A 206 1.92 5.61 23.50
C GLY A 206 3.35 5.99 23.15
N LEU A 207 4.25 5.01 23.14
CA LEU A 207 5.66 5.31 22.96
C LEU A 207 6.00 5.58 21.49
N ASN A 208 5.30 4.93 20.57
CA ASN A 208 5.53 5.15 19.15
C ASN A 208 5.05 6.51 18.69
N VAL A 209 3.95 6.99 19.27
CA VAL A 209 3.43 8.29 18.89
C VAL A 209 4.33 9.41 19.45
N ALA A 210 5.07 9.10 20.51
CA ALA A 210 6.01 10.06 21.08
C ALA A 210 7.30 10.08 20.26
N LYS A 211 7.16 10.51 19.01
CA LYS A 211 8.27 10.53 18.05
C LYS A 211 8.42 11.93 17.47
N MET A 212 7.31 12.65 17.39
CA MET A 212 7.27 13.99 16.82
C MET A 212 7.65 15.05 17.85
N GLU A 218 8.34 14.18 25.05
CA GLU A 218 8.38 12.76 25.40
C GLU A 218 7.01 12.31 25.91
N SER A 219 6.91 12.07 27.21
CA SER A 219 5.65 11.71 27.84
C SER A 219 4.69 12.89 27.75
N GLN A 220 5.25 14.10 27.75
CA GLN A 220 4.46 15.32 27.68
C GLN A 220 3.78 15.47 26.32
N LEU A 221 4.30 14.77 25.32
CA LEU A 221 3.69 14.75 24.00
C LEU A 221 2.49 13.80 24.00
N LEU A 222 2.62 12.72 24.76
CA LEU A 222 1.55 11.74 24.89
C LEU A 222 0.32 12.37 25.54
N LEU A 223 0.53 13.15 26.59
CA LEU A 223 -0.56 13.83 27.27
C LEU A 223 -1.30 14.76 26.30
N ASN A 224 -0.55 15.43 25.44
CA ASN A 224 -1.13 16.35 24.47
C ASN A 224 -2.12 15.62 23.57
N VAL A 225 -1.70 14.47 23.06
CA VAL A 225 -2.54 13.68 22.17
C VAL A 225 -3.80 13.19 22.87
N VAL A 226 -3.60 12.55 24.02
CA VAL A 226 -4.70 11.97 24.79
C VAL A 226 -5.74 13.02 25.19
N SER A 227 -5.25 14.13 25.75
CA SER A 227 -6.12 15.17 26.29
C SER A 227 -7.02 15.83 25.24
N GLN A 228 -6.55 15.93 24.00
CA GLN A 228 -7.35 16.53 22.94
C GLN A 228 -8.35 15.52 22.37
N LEU A 229 -7.93 14.25 22.29
CA LEU A 229 -8.81 13.18 21.83
C LEU A 229 -9.94 12.90 22.84
N ALA A 230 -9.67 13.14 24.11
CA ALA A 230 -10.66 12.91 25.17
C ALA A 230 -11.81 13.90 25.10
N LYS A 231 -11.52 15.10 24.60
CA LYS A 231 -12.54 16.15 24.49
C LYS A 231 -13.53 15.85 23.37
N ARG A 232 -13.18 14.90 22.51
CA ARG A 232 -14.03 14.49 21.40
C ARG A 232 -14.98 13.35 21.77
N ASN A 233 -15.12 13.07 23.07
CA ASN A 233 -16.01 12.03 23.57
C ASN A 233 -15.67 10.65 23.01
N LEU A 234 -14.38 10.36 22.91
CA LEU A 234 -13.94 9.04 22.42
C LEU A 234 -13.44 8.15 23.55
N ARG A 235 -13.65 6.84 23.41
CA ARG A 235 -13.09 5.88 24.35
C ARG A 235 -11.65 5.56 23.94
N LEU A 236 -10.71 6.05 24.72
CA LEU A 236 -9.30 5.92 24.41
C LEU A 236 -8.64 4.77 25.16
N LEU A 237 -7.83 3.99 24.45
CA LEU A 237 -6.91 3.04 25.08
C LEU A 237 -5.49 3.40 24.71
N VAL A 238 -4.68 3.65 25.74
CA VAL A 238 -3.27 4.00 25.56
C VAL A 238 -2.39 2.79 25.87
N LEU A 239 -1.54 2.43 24.92
CA LEU A 239 -0.62 1.31 25.10
C LEU A 239 0.78 1.80 25.39
N GLY A 240 1.41 1.25 26.43
CA GLY A 240 2.75 1.70 26.77
C GLY A 240 3.67 0.60 27.26
N ARG A 241 4.79 1.01 27.82
CA ARG A 241 5.75 0.10 28.42
C ARG A 241 5.95 0.47 29.88
N LYS A 242 6.53 -0.44 30.66
CA LYS A 242 6.70 -0.24 32.09
C LYS A 242 7.57 0.97 32.43
N HIS A 243 8.49 1.31 31.53
CA HIS A 243 9.50 2.32 31.85
C HIS A 243 8.94 3.74 31.89
N MET A 244 7.86 3.97 31.17
CA MET A 244 7.29 5.31 31.04
C MET A 244 6.82 5.89 32.37
N LEU A 245 6.32 5.03 33.25
CA LEU A 245 5.73 5.49 34.50
C LEU A 245 6.77 5.78 35.58
N ARG A 246 7.95 6.24 35.16
CA ARG A 246 8.99 6.65 36.09
C ARG A 246 9.73 7.88 35.57
N ASP A 254 4.30 10.68 36.96
CA ASP A 254 4.45 12.12 37.15
C ASP A 254 3.50 12.89 36.23
N GLU A 255 3.86 13.00 34.97
CA GLU A 255 2.95 13.55 33.97
C GLU A 255 2.25 12.39 33.27
N MET A 256 2.73 11.18 33.54
CA MET A 256 2.10 9.97 33.05
C MET A 256 0.82 9.69 33.83
N GLU A 257 0.81 10.11 35.09
CA GLU A 257 -0.37 9.93 35.93
C GLU A 257 -1.56 10.71 35.38
N GLU A 258 -1.29 11.79 34.65
CA GLU A 258 -2.36 12.58 34.08
C GLU A 258 -2.98 11.88 32.87
N VAL A 259 -2.19 11.02 32.24
CA VAL A 259 -2.67 10.22 31.13
C VAL A 259 -3.48 9.02 31.62
N GLN A 260 -3.00 8.37 32.67
CA GLN A 260 -3.67 7.20 33.25
C GLN A 260 -5.08 7.53 33.75
N LYS A 261 -5.33 8.80 34.05
CA LYS A 261 -6.63 9.21 34.57
C LYS A 261 -7.59 9.65 33.46
N GLN A 262 -7.04 10.03 32.31
CA GLN A 262 -7.88 10.48 31.19
C GLN A 262 -8.20 9.35 30.22
N ALA A 263 -7.50 8.24 30.33
CA ALA A 263 -7.69 7.14 29.40
C ALA A 263 -7.44 5.81 30.08
N SER A 264 -7.88 4.73 29.43
CA SER A 264 -7.56 3.39 29.90
C SER A 264 -6.17 3.03 29.38
N CYS A 265 -5.36 2.44 30.25
CA CYS A 265 -3.98 2.17 29.90
C CYS A 265 -3.58 0.73 30.18
N PHE A 266 -2.73 0.19 29.31
CA PHE A 266 -2.14 -1.12 29.52
C PHE A 266 -0.63 -1.00 29.31
N PHE A 267 0.14 -1.38 30.33
CA PHE A 267 1.59 -1.27 30.25
C PHE A 267 2.25 -2.63 30.12
N ALA A 268 2.70 -2.94 28.90
CA ALA A 268 3.35 -4.21 28.63
C ALA A 268 4.83 -4.16 28.98
N ASP A 269 5.50 -5.28 28.82
CA ASP A 269 6.94 -5.35 29.05
C ASP A 269 7.68 -4.53 28.00
N ASP A 270 8.91 -4.16 28.32
CA ASP A 270 9.73 -3.36 27.42
C ASP A 270 10.44 -4.25 26.39
N ILE A 271 9.66 -4.77 25.44
CA ILE A 271 10.21 -5.66 24.41
C ILE A 271 10.13 -5.02 23.03
N ASP A 274 9.08 -6.20 19.42
CA ASP A 274 7.87 -5.39 19.34
C ASP A 274 6.64 -6.21 19.71
N ASP A 275 5.64 -5.55 20.31
CA ASP A 275 4.41 -6.22 20.76
C ASP A 275 3.29 -6.10 19.72
N PRO A 276 2.35 -7.07 19.73
CA PRO A 276 1.23 -7.10 18.77
C PRO A 276 -0.07 -6.56 19.33
N PHE A 277 -0.02 -5.93 20.50
CA PHE A 277 -1.22 -5.57 21.24
C PHE A 277 -2.09 -4.52 20.53
N LEU A 278 -1.46 -3.66 19.75
CA LEU A 278 -2.21 -2.59 19.09
C LEU A 278 -3.24 -3.15 18.11
N LEU A 279 -2.81 -4.12 17.33
CA LEU A 279 -3.67 -4.78 16.35
C LEU A 279 -4.82 -5.53 17.03
N TYR A 280 -4.47 -6.31 18.04
CA TYR A 280 -5.47 -7.11 18.76
C TYR A 280 -6.57 -6.22 19.30
N ALA A 281 -6.17 -5.20 20.06
CA ALA A 281 -7.12 -4.30 20.71
C ALA A 281 -8.02 -3.55 19.73
N THR A 282 -7.42 -3.04 18.65
CA THR A 282 -8.19 -2.33 17.63
C THR A 282 -9.20 -3.26 16.97
N LEU A 283 -8.74 -4.44 16.57
CA LEU A 283 -9.59 -5.37 15.84
C LEU A 283 -10.68 -5.94 16.74
N HIS A 284 -10.30 -6.34 17.96
CA HIS A 284 -11.28 -6.81 18.94
C HIS A 284 -12.35 -5.76 19.20
N SER A 285 -11.93 -4.50 19.30
CA SER A 285 -12.87 -3.42 19.54
C SER A 285 -13.92 -3.37 18.43
N GLY A 286 -13.47 -3.53 17.19
CA GLY A 286 -14.40 -3.68 16.09
C GLY A 286 -14.18 -2.75 14.92
N ASN A 287 -15.02 -2.92 13.90
CA ASN A 287 -14.86 -2.25 12.60
C ASN A 287 -14.87 -0.73 12.69
N HIS A 288 -15.34 -0.21 13.83
CA HIS A 288 -15.44 1.23 14.03
C HIS A 288 -14.18 1.81 14.67
N CYS A 289 -13.30 0.95 15.16
CA CYS A 289 -12.19 1.44 15.98
C CYS A 289 -10.98 1.84 15.17
N ARG A 290 -10.45 3.01 15.49
CA ARG A 290 -9.30 3.56 14.78
C ARG A 290 -8.05 3.45 15.64
N PHE A 291 -6.89 3.76 15.07
CA PHE A 291 -5.65 3.65 15.83
C PHE A 291 -4.59 4.67 15.44
N ILE A 292 -3.61 4.81 16.33
CA ILE A 292 -2.53 5.77 16.15
C ILE A 292 -1.19 5.11 16.46
N THR A 293 -0.32 5.07 15.45
CA THR A 293 1.04 4.57 15.60
C THR A 293 1.84 5.03 14.38
N ARG A 294 3.00 4.42 14.16
CA ARG A 294 3.83 4.73 12.99
C ARG A 294 3.25 4.14 11.70
N ASP A 295 3.81 4.53 10.56
CA ASP A 295 3.33 4.03 9.26
C ASP A 295 3.42 2.50 9.20
N LEU A 296 2.28 1.85 8.98
CA LEU A 296 2.21 0.40 9.05
C LEU A 296 2.47 -0.26 7.69
N MET A 297 3.21 -1.36 7.72
CA MET A 297 3.53 -2.11 6.51
C MET A 297 4.06 -3.49 6.87
N ASP A 306 -1.31 -14.07 1.06
CA ASP A 306 -2.27 -14.21 -0.03
C ASP A 306 -2.86 -12.86 -0.42
N ALA A 307 -3.06 -12.67 -1.72
CA ALA A 307 -3.45 -11.36 -2.26
C ALA A 307 -4.75 -10.80 -1.65
N LYS A 308 -5.74 -11.65 -1.44
CA LYS A 308 -7.05 -11.17 -0.99
C LYS A 308 -7.01 -10.63 0.44
N THR A 309 -6.25 -11.30 1.30
CA THR A 309 -6.12 -10.89 2.69
C THR A 309 -5.33 -9.58 2.81
N GLN A 310 -4.23 -9.49 2.07
CA GLN A 310 -3.36 -8.33 2.10
C GLN A 310 -4.12 -7.11 1.59
N ARG A 311 -4.91 -7.34 0.53
CA ARG A 311 -5.79 -6.30 -0.02
C ARG A 311 -6.74 -5.78 1.06
N LEU A 312 -7.25 -6.67 1.90
CA LEU A 312 -8.16 -6.27 2.97
C LEU A 312 -7.42 -5.48 4.04
N PHE A 313 -6.19 -5.89 4.35
CA PHE A 313 -5.37 -5.19 5.32
C PHE A 313 -5.08 -3.77 4.89
N PHE A 314 -4.72 -3.58 3.62
CA PHE A 314 -4.48 -2.25 3.10
C PHE A 314 -5.71 -1.38 3.21
N LYS A 315 -6.85 -1.94 2.83
CA LYS A 315 -8.11 -1.21 2.86
C LYS A 315 -8.49 -0.88 4.31
N TRP A 316 -8.26 -1.83 5.21
CA TRP A 316 -8.55 -1.59 6.62
C TRP A 316 -7.62 -0.52 7.19
N GLN A 317 -6.31 -0.67 6.93
CA GLN A 317 -5.34 0.33 7.36
C GLN A 317 -5.69 1.73 6.83
N GLN A 318 -6.06 1.82 5.57
CA GLN A 318 -6.33 3.12 4.97
C GLN A 318 -7.46 3.83 5.72
N GLY A 319 -8.49 3.07 6.10
CA GLY A 319 -9.67 3.66 6.71
C GLY A 319 -9.69 3.70 8.23
N HIS A 320 -8.62 3.23 8.86
CA HIS A 320 -8.61 3.10 10.33
C HIS A 320 -7.39 3.73 11.00
N GLN A 321 -6.30 3.92 10.26
CA GLN A 321 -5.15 4.59 10.87
C GLN A 321 -5.37 6.09 10.97
N LEU A 322 -5.32 6.61 12.20
CA LEU A 322 -5.35 8.04 12.42
C LEU A 322 -3.93 8.58 12.36
N ALA A 323 -3.65 9.39 11.34
CA ALA A 323 -2.32 9.97 11.18
C ALA A 323 -2.29 11.41 11.66
N ILE A 324 -1.30 11.75 12.47
CA ILE A 324 -1.15 13.10 13.00
C ILE A 324 -0.31 13.97 12.07
N VAL A 325 -0.80 15.17 11.79
CA VAL A 325 -0.13 16.05 10.83
C VAL A 325 0.25 17.40 11.44
N SER A 331 2.21 22.47 16.87
CA SER A 331 1.54 23.54 17.62
C SER A 331 0.29 23.00 18.30
N LYS A 332 -0.83 23.06 17.59
CA LYS A 332 -2.06 22.42 18.02
C LYS A 332 -2.34 21.23 17.09
N LEU A 333 -2.89 20.16 17.63
CA LEU A 333 -2.90 18.89 16.93
C LEU A 333 -4.10 18.66 16.00
N THR A 334 -3.81 18.09 14.83
CA THR A 334 -4.81 17.77 13.82
C THR A 334 -4.49 16.43 13.15
N PHE A 335 -5.52 15.72 12.71
CA PHE A 335 -5.32 14.44 12.04
C PHE A 335 -5.58 14.54 10.56
N GLN A 336 -5.03 13.59 9.81
CA GLN A 336 -5.31 13.45 8.39
C GLN A 336 -6.75 13.01 8.16
N ARG A 337 -7.41 13.69 7.24
CA ARG A 337 -8.72 13.30 6.72
C ARG A 337 -8.75 11.82 6.36
N ILE A 338 -9.85 11.13 6.70
CA ILE A 338 -10.05 9.76 6.21
C ILE A 338 -11.32 9.73 5.36
N LEU A 339 -11.15 9.45 4.08
CA LEU A 339 -12.27 9.51 3.14
C LEU A 339 -13.22 8.33 3.33
N SER A 340 -14.40 8.42 2.70
CA SER A 340 -15.38 7.34 2.76
C SER A 340 -15.14 6.28 1.68
N TYR A 341 -14.24 6.58 0.74
CA TYR A 341 -13.99 5.68 -0.39
C TYR A 341 -12.54 5.20 -0.41
N ASP A 342 -12.31 4.06 -1.04
CA ASP A 342 -11.02 3.39 -1.02
C ASP A 342 -10.19 3.95 -2.17
N THR A 343 -9.06 4.57 -1.84
CA THR A 343 -8.17 5.08 -2.86
C THR A 343 -7.19 3.95 -3.25
N VAL A 344 -7.52 3.28 -4.34
CA VAL A 344 -6.78 2.10 -4.78
C VAL A 344 -7.15 1.83 -6.25
N VAL A 345 -6.24 1.24 -7.02
CA VAL A 345 -6.60 0.82 -8.36
C VAL A 345 -7.82 -0.10 -8.29
N GLN A 346 -8.81 0.13 -9.14
CA GLN A 346 -10.03 -0.63 -9.07
C GLN A 346 -10.78 -0.70 -10.37
N THR A 347 -11.71 -1.65 -10.48
CA THR A 347 -12.41 -1.91 -11.73
C THR A 347 -13.83 -2.41 -11.51
N THR A 348 -14.68 -2.20 -12.52
CA THR A 348 -16.02 -2.78 -12.57
C THR A 348 -16.19 -3.55 -13.88
N GLY A 349 -15.09 -3.79 -14.57
CA GLY A 349 -15.13 -4.44 -15.87
C GLY A 349 -15.25 -3.41 -16.98
N ASP A 350 -16.34 -2.64 -16.94
CA ASP A 350 -16.62 -1.60 -17.92
C ASP A 350 -16.03 -0.25 -17.49
N SER A 351 -15.38 -0.22 -16.33
CA SER A 351 -14.61 0.95 -15.93
C SER A 351 -13.39 0.56 -15.11
N TRP A 352 -12.39 1.44 -15.12
CA TRP A 352 -11.27 1.36 -14.20
C TRP A 352 -11.14 2.72 -13.55
N HIS A 353 -10.70 2.75 -12.29
CA HIS A 353 -10.29 4.00 -11.70
C HIS A 353 -8.94 3.78 -11.05
N ILE A 354 -7.99 4.61 -11.46
CA ILE A 354 -6.59 4.43 -11.14
C ILE A 354 -6.01 5.71 -10.54
N PRO A 355 -5.75 5.70 -9.22
CA PRO A 355 -5.09 6.86 -8.64
C PRO A 355 -3.68 6.96 -9.16
N TYR A 356 -3.19 8.18 -9.39
CA TYR A 356 -1.82 8.33 -9.89
C TYR A 356 -1.15 9.50 -9.20
N ASP A 357 0.17 9.50 -9.17
CA ASP A 357 0.94 10.59 -8.58
C ASP A 357 1.30 11.63 -9.63
N GLU A 358 1.29 12.90 -9.24
CA GLU A 358 1.66 13.97 -10.17
C GLU A 358 3.14 14.27 -10.07
N ASP A 359 3.75 14.65 -11.18
CA ASP A 359 5.15 15.02 -11.19
C ASP A 359 5.41 16.16 -10.20
N LEU A 360 4.56 17.19 -10.26
CA LEU A 360 4.79 18.42 -9.50
C LEU A 360 4.32 18.34 -8.05
N VAL A 361 3.98 17.15 -7.56
CA VAL A 361 3.48 17.01 -6.20
C VAL A 361 4.12 15.86 -5.41
N GLU A 362 4.91 16.23 -4.41
CA GLU A 362 5.57 15.26 -3.53
C GLU A 362 4.61 14.72 -2.47
N ARG A 363 4.24 13.46 -2.59
CA ARG A 363 3.24 12.86 -1.69
C ARG A 363 3.88 12.00 -0.60
N CYS A 364 3.60 12.34 0.66
CA CYS A 364 4.04 11.53 1.79
C CYS A 364 3.44 10.14 1.69
N SER A 365 4.14 9.15 2.22
CA SER A 365 3.69 7.77 2.14
C SER A 365 2.35 7.58 2.86
N CYS A 366 2.07 8.45 3.83
CA CYS A 366 0.90 8.29 4.67
C CYS A 366 -0.32 9.05 4.16
N GLU A 367 -0.21 9.72 3.02
CA GLU A 367 -1.39 10.34 2.42
C GLU A 367 -1.74 9.70 1.09
N VAL A 368 -3.04 9.56 0.82
CA VAL A 368 -3.49 8.95 -0.42
C VAL A 368 -3.41 9.94 -1.56
N PRO A 369 -3.16 9.46 -2.80
CA PRO A 369 -3.20 10.35 -3.96
C PRO A 369 -4.57 10.99 -4.09
N THR A 370 -4.65 12.17 -4.71
CA THR A 370 -5.92 12.84 -4.92
C THR A 370 -6.32 12.89 -6.40
N LYS A 371 -5.40 12.54 -7.28
CA LYS A 371 -5.70 12.56 -8.71
C LYS A 371 -5.96 11.15 -9.25
N TRP A 372 -6.96 11.04 -10.11
CA TRP A 372 -7.35 9.75 -10.64
C TRP A 372 -7.33 9.76 -12.16
N LEU A 373 -7.01 8.60 -12.72
CA LEU A 373 -7.29 8.33 -14.13
C LEU A 373 -8.60 7.56 -14.16
N CYS A 374 -9.55 8.10 -14.89
CA CYS A 374 -10.89 7.51 -15.04
C CYS A 374 -11.03 6.92 -16.41
N LEU A 375 -11.24 5.61 -16.48
CA LEU A 375 -11.44 4.96 -17.76
C LEU A 375 -12.82 4.35 -17.81
N HIS A 376 -13.50 4.60 -18.89
CA HIS A 376 -14.85 4.09 -19.05
C HIS A 376 -15.09 3.72 -20.50
N GLN A 377 -15.82 2.63 -20.70
CA GLN A 377 -16.27 2.27 -22.04
C GLN A 377 -17.51 3.09 -22.37
N LYS A 378 -17.73 3.35 -23.65
CA LYS A 378 -18.87 4.14 -24.08
C LYS A 378 -20.15 3.29 -24.07
ZN ZN B . -14.90 7.77 -13.53
C1 GOL C . -9.83 -5.88 -23.73
O1 GOL C . -8.82 -6.77 -23.32
C2 GOL C . -10.54 -5.30 -22.51
O2 GOL C . -10.91 -3.96 -22.76
C3 GOL C . -9.60 -5.35 -21.31
O3 GOL C . -10.33 -4.94 -20.17
C1 GOL D . -14.61 3.53 10.21
O1 GOL D . -13.58 3.94 11.08
C2 GOL D . -14.04 3.14 8.85
O2 GOL D . -14.79 2.09 8.26
C3 GOL D . -14.04 4.35 7.92
O3 GOL D . -13.05 5.25 8.36
#